data_9F0Q
#
_entry.id   9F0Q
#
_cell.length_a   101.804
_cell.length_b   79.021
_cell.length_c   67.815
_cell.angle_alpha   90.000
_cell.angle_beta   130.760
_cell.angle_gamma   90.000
#
_symmetry.space_group_name_H-M   'C 1 2 1'
#
loop_
_entity.id
_entity.type
_entity.pdbx_description
1 polymer 'Metallo-beta-lactamase type 2'
2 non-polymer 'FORMIC ACID'
3 non-polymer '[(S)-(1-benzothiophen-3-ylcarbonylamino)-(2-hydroxyphenyl)methyl]phosphonic acid'
4 non-polymer 'ZINC ION'
5 non-polymer '[(R)-(1-benzothiophen-3-ylcarbonylamino)-(2-hydroxyphenyl)methyl]phosphonic acid'
6 water water
#
_entity_poly.entity_id   1
_entity_poly.type   'polypeptide(L)'
_entity_poly.pdbx_seq_one_letter_code
;MHHHHHHENLYFQGVDSSGEYPTVSEIPVGEVRLYQIADGVWSHIATQSFDGAVYPSNGLIVRDGDELLLIDTAWGAKNT
AALLAEIEKQIGLPVTRAVSTHFHDDRVGGVDVLRAAGVATYASPSTRRLAEVEGNEIPTHSLEGLSSSGDAVRFGPVEL
FYPGAAHSTDNLVVYVPSASVLYGGCAIYELSRTSAGNVADADLAEWPTSIERIQQHYPEAQFVIPGHGLPGGLDLLKHT
TNVVKAHTNRSVVE
;
_entity_poly.pdbx_strand_id   A,B
#
# COMPACT_ATOMS: atom_id res chain seq x y z
N GLU A 20 13.95 29.77 4.45
CA GLU A 20 12.92 29.87 5.48
C GLU A 20 12.06 28.59 5.49
N TYR A 21 11.34 28.35 4.39
CA TYR A 21 10.52 27.15 4.28
C TYR A 21 11.39 25.91 4.08
N PRO A 22 11.08 24.80 4.75
CA PRO A 22 11.89 23.59 4.57
C PRO A 22 11.76 23.05 3.14
N THR A 23 12.90 22.80 2.51
CA THR A 23 12.90 22.19 1.20
C THR A 23 13.21 20.70 1.32
N VAL A 24 12.98 19.99 0.20
CA VAL A 24 13.05 18.53 0.18
C VAL A 24 14.43 18.03 0.61
N SER A 25 15.47 18.83 0.42
CA SER A 25 16.81 18.39 0.81
C SER A 25 16.99 18.39 2.33
N GLU A 26 16.37 19.34 3.03
CA GLU A 26 16.61 19.56 4.44
C GLU A 26 15.82 18.64 5.37
N ILE A 27 14.97 17.77 4.83
CA ILE A 27 14.16 16.89 5.68
C ILE A 27 14.54 15.43 5.46
N PRO A 28 15.22 14.81 6.41
CA PRO A 28 15.44 13.36 6.34
C PRO A 28 14.14 12.59 6.16
N VAL A 29 14.14 11.65 5.23
CA VAL A 29 13.00 10.77 5.04
C VAL A 29 12.61 10.18 6.38
N GLY A 30 11.32 10.22 6.69
CA GLY A 30 10.79 9.74 7.94
C GLY A 30 10.49 10.85 8.94
N GLU A 31 11.16 11.99 8.81
CA GLU A 31 10.92 13.11 9.71
C GLU A 31 9.98 14.13 9.08
N VAL A 32 9.29 14.87 9.93
CA VAL A 32 8.26 15.82 9.52
C VAL A 32 8.63 17.16 10.12
N ARG A 33 8.51 18.22 9.32
CA ARG A 33 8.68 19.56 9.84
C ARG A 33 7.35 20.29 9.86
N LEU A 34 7.23 21.22 10.80
CA LEU A 34 6.10 22.14 10.85
C LEU A 34 6.61 23.53 10.53
N TYR A 35 5.80 24.29 9.81
CA TYR A 35 6.14 25.64 9.41
C TYR A 35 4.97 26.56 9.72
N GLN A 36 5.16 27.47 10.67
CA GLN A 36 4.08 28.38 11.05
C GLN A 36 3.83 29.38 9.95
N ILE A 37 2.64 29.32 9.35
CA ILE A 37 2.34 30.17 8.22
C ILE A 37 1.83 31.52 8.68
N ALA A 38 0.87 31.49 9.59
CA ALA A 38 0.29 32.67 10.22
C ALA A 38 -0.11 32.24 11.62
N ASP A 39 -0.91 33.07 12.29
CA ASP A 39 -1.28 32.75 13.66
C ASP A 39 -2.25 31.58 13.68
N GLY A 40 -1.90 30.52 14.39
CA GLY A 40 -2.73 29.34 14.43
C GLY A 40 -2.81 28.56 13.13
N VAL A 41 -1.88 28.77 12.20
CA VAL A 41 -1.86 28.00 10.96
C VAL A 41 -0.44 27.55 10.66
N TRP A 42 -0.26 26.25 10.48
CA TRP A 42 1.01 25.65 10.10
C TRP A 42 0.82 24.83 8.84
N SER A 43 1.90 24.63 8.11
CA SER A 43 1.93 23.53 7.16
C SER A 43 2.78 22.42 7.75
N HIS A 44 2.56 21.21 7.27
CA HIS A 44 3.44 20.13 7.65
C HIS A 44 4.13 19.60 6.41
N ILE A 45 5.43 19.35 6.53
CA ILE A 45 6.25 18.96 5.39
C ILE A 45 6.91 17.63 5.69
N ALA A 46 6.77 16.69 4.77
CA ALA A 46 7.42 15.39 4.86
C ALA A 46 7.95 15.02 3.49
N THR A 47 8.77 13.98 3.45
CA THR A 47 9.33 13.48 2.20
C THR A 47 9.11 11.98 2.10
N GLN A 48 8.89 11.51 0.87
CA GLN A 48 8.70 10.09 0.59
C GLN A 48 9.55 9.71 -0.62
N SER A 49 10.46 8.75 -0.43
CA SER A 49 11.19 8.18 -1.56
C SER A 49 10.23 7.38 -2.42
N PHE A 50 10.42 7.43 -3.74
CA PHE A 50 9.45 6.84 -4.67
C PHE A 50 10.12 6.68 -6.02
N ASP A 51 10.27 5.43 -6.49
CA ASP A 51 10.95 5.13 -7.76
C ASP A 51 12.42 5.57 -7.75
N GLY A 52 13.04 5.67 -6.59
CA GLY A 52 14.41 6.15 -6.54
C GLY A 52 14.57 7.66 -6.60
N ALA A 53 13.46 8.40 -6.49
CA ALA A 53 13.44 9.85 -6.33
C ALA A 53 12.82 10.19 -4.99
N VAL A 54 13.08 11.40 -4.52
CA VAL A 54 12.57 11.85 -3.22
C VAL A 54 11.64 13.02 -3.46
N TYR A 55 10.40 12.91 -2.97
CA TYR A 55 9.46 13.98 -3.16
C TYR A 55 9.06 14.64 -1.84
N PRO A 56 8.97 15.97 -1.80
CA PRO A 56 8.38 16.63 -0.63
C PRO A 56 6.87 16.63 -0.73
N SER A 57 6.21 16.81 0.40
CA SER A 57 4.76 16.82 0.40
C SER A 57 4.26 17.67 1.55
N ASN A 58 3.21 18.47 1.30
CA ASN A 58 2.63 19.38 2.26
C ASN A 58 1.24 18.95 2.71
N GLY A 59 0.94 19.24 3.97
CA GLY A 59 -0.42 19.33 4.47
C GLY A 59 -0.57 20.61 5.27
N LEU A 60 -1.72 20.77 5.93
CA LEU A 60 -2.04 21.94 6.72
C LEU A 60 -2.46 21.53 8.13
N ILE A 61 -2.19 22.40 9.12
CA ILE A 61 -2.73 22.29 10.48
C ILE A 61 -3.36 23.64 10.83
N VAL A 62 -4.59 23.62 11.34
CA VAL A 62 -5.30 24.84 11.69
C VAL A 62 -5.81 24.73 13.12
N ARG A 63 -5.46 25.71 13.95
CA ARG A 63 -5.93 25.76 15.33
CA ARG A 63 -5.94 25.73 15.32
C ARG A 63 -7.41 26.15 15.37
N ASP A 64 -8.18 25.44 16.18
CA ASP A 64 -9.62 25.72 16.41
C ASP A 64 -9.86 25.70 17.92
N GLY A 65 -9.78 26.86 18.53
CA GLY A 65 -9.81 26.92 19.98
C GLY A 65 -8.62 26.19 20.57
N ASP A 66 -8.88 25.11 21.30
CA ASP A 66 -7.83 24.33 21.92
C ASP A 66 -7.65 22.96 21.26
N GLU A 67 -8.16 22.79 20.04
CA GLU A 67 -7.95 21.59 19.24
C GLU A 67 -7.40 22.01 17.89
N LEU A 68 -6.90 21.02 17.14
CA LEU A 68 -6.34 21.25 15.82
C LEU A 68 -7.13 20.50 14.76
N LEU A 69 -7.34 21.15 13.63
CA LEU A 69 -7.82 20.48 12.42
C LEU A 69 -6.63 20.13 11.54
N LEU A 70 -6.51 18.84 11.18
CA LEU A 70 -5.48 18.36 10.28
C LEU A 70 -6.02 18.30 8.84
N ILE A 71 -5.21 18.77 7.89
CA ILE A 71 -5.54 18.65 6.46
C ILE A 71 -4.47 17.78 5.82
N ASP A 72 -4.89 16.60 5.36
CA ASP A 72 -4.07 15.62 4.64
C ASP A 72 -3.05 14.95 5.54
N THR A 73 -2.79 13.67 5.27
CA THR A 73 -1.75 12.92 5.96
C THR A 73 -0.37 13.34 5.48
N ALA A 74 0.64 12.70 6.06
CA ALA A 74 2.03 12.96 5.72
C ALA A 74 2.59 11.91 4.76
N TRP A 75 1.72 11.27 3.99
CA TRP A 75 2.08 10.28 2.96
C TRP A 75 2.64 8.98 3.53
N GLY A 76 1.83 8.25 4.29
CA GLY A 76 2.28 6.96 4.76
C GLY A 76 2.14 6.78 6.25
N ALA A 77 2.06 5.52 6.71
CA ALA A 77 1.85 5.26 8.13
C ALA A 77 2.99 5.81 8.98
N LYS A 78 4.24 5.52 8.59
CA LYS A 78 5.36 5.92 9.43
C LYS A 78 5.51 7.43 9.45
N ASN A 79 5.34 8.08 8.31
CA ASN A 79 5.40 9.53 8.25
C ASN A 79 4.27 10.15 9.06
N THR A 80 3.07 9.56 8.99
CA THR A 80 1.91 10.13 9.67
C THR A 80 2.05 9.97 11.19
N ALA A 81 2.61 8.86 11.63
CA ALA A 81 2.89 8.71 13.06
C ALA A 81 3.88 9.79 13.51
N ALA A 82 4.93 10.01 12.75
CA ALA A 82 5.90 11.06 13.09
C ALA A 82 5.25 12.45 13.06
N LEU A 83 4.30 12.67 12.15
CA LEU A 83 3.56 13.92 12.13
C LEU A 83 2.84 14.17 13.45
N LEU A 84 2.10 13.16 13.93
CA LEU A 84 1.37 13.32 15.18
C LEU A 84 2.35 13.57 16.33
N ALA A 85 3.47 12.87 16.33
CA ALA A 85 4.44 13.08 17.40
C ALA A 85 5.05 14.47 17.31
N GLU A 86 5.23 15.01 16.10
CA GLU A 86 5.81 16.34 15.99
C GLU A 86 4.81 17.41 16.42
N ILE A 87 3.53 17.21 16.09
CA ILE A 87 2.48 18.11 16.54
C ILE A 87 2.39 18.13 18.07
N GLU A 88 2.27 16.96 18.69
CA GLU A 88 2.29 16.88 20.16
C GLU A 88 3.53 17.53 20.76
N LYS A 89 4.68 17.40 20.09
CA LYS A 89 5.92 17.99 20.59
C LYS A 89 5.91 19.51 20.52
N GLN A 90 5.60 20.08 19.34
CA GLN A 90 5.74 21.53 19.18
C GLN A 90 4.48 22.31 19.50
N ILE A 91 3.30 21.76 19.27
CA ILE A 91 2.06 22.49 19.51
C ILE A 91 1.34 22.01 20.76
N GLY A 92 1.33 20.70 21.00
CA GLY A 92 0.76 20.18 22.23
C GLY A 92 -0.74 20.38 22.37
N LEU A 93 -1.47 20.50 21.26
CA LEU A 93 -2.92 20.50 21.24
C LEU A 93 -3.41 19.25 20.52
N PRO A 94 -4.59 18.73 20.86
CA PRO A 94 -5.04 17.47 20.24
C PRO A 94 -5.60 17.68 18.84
N VAL A 95 -5.25 16.77 17.94
CA VAL A 95 -5.80 16.70 16.58
C VAL A 95 -7.11 15.92 16.67
N THR A 96 -8.24 16.62 16.64
CA THR A 96 -9.53 15.98 16.83
C THR A 96 -10.17 15.57 15.51
N ARG A 97 -9.87 16.24 14.41
CA ARG A 97 -10.48 15.92 13.12
C ARG A 97 -9.41 16.02 12.05
N ALA A 98 -9.62 15.31 10.94
CA ALA A 98 -8.70 15.40 9.80
C ALA A 98 -9.46 15.23 8.50
N VAL A 99 -9.11 16.05 7.52
CA VAL A 99 -9.74 16.05 6.19
C VAL A 99 -8.69 15.66 5.15
N SER A 100 -9.04 14.73 4.27
CA SER A 100 -8.16 14.35 3.16
C SER A 100 -8.70 14.99 1.90
N THR A 101 -7.83 15.68 1.14
CA THR A 101 -8.31 16.51 0.05
C THR A 101 -8.47 15.78 -1.28
N HIS A 102 -7.84 14.62 -1.48
CA HIS A 102 -8.32 13.72 -2.53
C HIS A 102 -7.86 12.31 -2.17
N PHE A 103 -8.11 11.36 -3.08
CA PHE A 103 -8.04 9.94 -2.73
C PHE A 103 -6.64 9.33 -2.87
N HIS A 104 -5.65 10.07 -3.36
CA HIS A 104 -4.36 9.44 -3.59
C HIS A 104 -3.60 9.22 -2.28
N ASP A 105 -2.57 8.38 -2.36
CA ASP A 105 -1.84 7.92 -1.18
C ASP A 105 -1.14 9.06 -0.44
N ASP A 106 -0.72 10.13 -1.13
CA ASP A 106 -0.09 11.21 -0.39
C ASP A 106 -1.11 12.06 0.39
N ARG A 107 -2.40 11.81 0.24
CA ARG A 107 -3.42 12.49 1.03
C ARG A 107 -4.11 11.60 2.06
N VAL A 108 -4.26 10.31 1.79
CA VAL A 108 -4.96 9.38 2.67
C VAL A 108 -4.05 8.31 3.23
N GLY A 109 -2.82 8.17 2.71
CA GLY A 109 -1.88 7.23 3.29
C GLY A 109 -1.54 7.62 4.71
N GLY A 110 -1.96 6.82 5.69
CA GLY A 110 -1.82 7.17 7.09
C GLY A 110 -3.13 7.44 7.80
N VAL A 111 -4.25 7.34 7.09
CA VAL A 111 -5.55 7.56 7.71
C VAL A 111 -5.82 6.51 8.79
N ASP A 112 -5.32 5.28 8.60
CA ASP A 112 -5.45 4.25 9.63
C ASP A 112 -4.72 4.64 10.91
N VAL A 113 -3.54 5.25 10.77
CA VAL A 113 -2.80 5.73 11.94
C VAL A 113 -3.60 6.83 12.65
N LEU A 114 -4.16 7.78 11.88
CA LEU A 114 -4.99 8.83 12.50
C LEU A 114 -6.15 8.20 13.24
N ARG A 115 -6.88 7.32 12.57
CA ARG A 115 -8.00 6.60 13.18
C ARG A 115 -7.56 5.88 14.44
N ALA A 116 -6.43 5.17 14.40
CA ALA A 116 -5.94 4.46 15.58
C ALA A 116 -5.67 5.40 16.73
N ALA A 117 -5.22 6.62 16.43
CA ALA A 117 -4.90 7.62 17.43
C ALA A 117 -6.12 8.34 17.95
N GLY A 118 -7.31 8.01 17.44
CA GLY A 118 -8.54 8.61 17.92
C GLY A 118 -8.94 9.86 17.19
N VAL A 119 -8.33 10.13 16.03
CA VAL A 119 -8.67 11.27 15.19
C VAL A 119 -9.82 10.87 14.30
N ALA A 120 -10.85 11.73 14.23
CA ALA A 120 -11.97 11.52 13.32
C ALA A 120 -11.58 11.97 11.91
N THR A 121 -11.54 11.04 10.98
CA THR A 121 -11.07 11.33 9.63
C THR A 121 -12.26 11.57 8.69
N TYR A 122 -12.09 12.51 7.76
CA TYR A 122 -13.18 12.98 6.91
C TYR A 122 -12.70 13.06 5.47
N ALA A 123 -13.61 12.79 4.55
CA ALA A 123 -13.42 13.13 3.15
C ALA A 123 -14.78 13.22 2.48
N SER A 124 -14.79 13.72 1.26
CA SER A 124 -16.01 13.74 0.50
C SER A 124 -16.37 12.32 0.12
N PRO A 125 -17.64 12.04 -0.14
CA PRO A 125 -18.01 10.69 -0.58
C PRO A 125 -17.35 10.32 -1.89
N SER A 126 -17.08 11.31 -2.74
CA SER A 126 -16.35 11.05 -3.97
C SER A 126 -14.95 10.56 -3.66
N THR A 127 -14.26 11.21 -2.71
CA THR A 127 -12.92 10.78 -2.33
C THR A 127 -12.96 9.38 -1.69
N ARG A 128 -13.90 9.14 -0.78
CA ARG A 128 -13.96 7.83 -0.13
C ARG A 128 -14.16 6.72 -1.15
N ARG A 129 -15.05 6.93 -2.11
CA ARG A 129 -15.31 5.91 -3.12
C ARG A 129 -14.06 5.62 -3.93
N LEU A 130 -13.38 6.68 -4.40
CA LEU A 130 -12.21 6.50 -5.23
C LEU A 130 -11.06 5.85 -4.46
N ALA A 131 -10.91 6.21 -3.18
CA ALA A 131 -9.92 5.54 -2.34
C ALA A 131 -10.20 4.04 -2.30
N GLU A 132 -11.47 3.69 -2.11
CA GLU A 132 -11.83 2.27 -2.03
C GLU A 132 -11.48 1.55 -3.32
N VAL A 133 -11.85 2.15 -4.46
CA VAL A 133 -11.53 1.54 -5.74
C VAL A 133 -10.02 1.38 -5.91
N GLU A 134 -9.26 2.38 -5.47
CA GLU A 134 -7.79 2.30 -5.56
C GLU A 134 -7.20 1.33 -4.55
N GLY A 135 -7.97 0.88 -3.57
CA GLY A 135 -7.43 0.06 -2.51
C GLY A 135 -6.67 0.84 -1.46
N ASN A 136 -6.87 2.17 -1.41
CA ASN A 136 -6.21 3.02 -0.45
C ASN A 136 -6.99 3.05 0.87
N GLU A 137 -6.39 3.67 1.89
CA GLU A 137 -7.07 3.84 3.17
C GLU A 137 -8.23 4.82 3.01
N ILE A 138 -9.30 4.61 3.78
CA ILE A 138 -10.57 5.26 3.53
C ILE A 138 -10.99 6.06 4.75
N PRO A 139 -11.09 7.40 4.65
CA PRO A 139 -11.60 8.20 5.77
C PRO A 139 -12.98 7.73 6.23
N THR A 140 -13.18 7.80 7.54
CA THR A 140 -14.42 7.33 8.15
C THR A 140 -15.63 8.14 7.68
N HIS A 141 -15.56 9.46 7.82
CA HIS A 141 -16.72 10.31 7.60
C HIS A 141 -16.78 10.89 6.20
N SER A 142 -18.01 11.16 5.76
CA SER A 142 -18.30 11.75 4.46
C SER A 142 -18.70 13.21 4.62
N LEU A 143 -18.06 14.09 3.85
CA LEU A 143 -18.38 15.52 3.85
C LEU A 143 -19.47 15.79 2.82
N GLU A 144 -20.66 16.16 3.28
CA GLU A 144 -21.70 16.54 2.33
C GLU A 144 -21.52 17.99 1.89
N GLY A 145 -22.24 18.35 0.83
CA GLY A 145 -22.28 19.71 0.35
C GLY A 145 -21.14 20.12 -0.55
N LEU A 146 -20.38 19.14 -1.07
CA LEU A 146 -19.19 19.42 -1.88
C LEU A 146 -19.20 18.71 -3.24
N SER A 147 -20.38 18.34 -3.73
CA SER A 147 -20.44 17.44 -4.88
C SER A 147 -20.46 18.17 -6.21
N SER A 148 -20.72 19.47 -6.23
CA SER A 148 -20.82 20.25 -7.45
C SER A 148 -19.79 21.37 -7.48
N SER A 149 -19.15 21.53 -8.63
CA SER A 149 -18.16 22.60 -8.78
CA SER A 149 -18.16 22.60 -8.78
C SER A 149 -18.68 23.91 -8.23
N GLY A 150 -17.86 24.57 -7.41
CA GLY A 150 -18.27 25.80 -6.78
C GLY A 150 -18.88 25.65 -5.40
N ASP A 151 -19.14 24.42 -4.97
CA ASP A 151 -19.68 24.16 -3.64
C ASP A 151 -18.65 24.51 -2.57
N ALA A 152 -19.12 25.18 -1.51
CA ALA A 152 -18.29 25.49 -0.35
C ALA A 152 -19.07 25.12 0.93
N VAL A 153 -18.35 24.62 1.94
CA VAL A 153 -18.90 24.44 3.28
C VAL A 153 -17.84 24.84 4.29
N ARG A 154 -18.29 25.37 5.43
CA ARG A 154 -17.37 25.56 6.55
C ARG A 154 -17.17 24.23 7.28
N PHE A 155 -15.96 24.03 7.78
CA PHE A 155 -15.64 22.84 8.58
C PHE A 155 -14.70 23.31 9.68
N GLY A 156 -15.22 23.56 10.87
CA GLY A 156 -14.44 24.18 11.92
C GLY A 156 -13.87 25.51 11.47
N PRO A 157 -12.56 25.70 11.61
CA PRO A 157 -11.94 26.98 11.27
C PRO A 157 -11.61 27.18 9.80
N VAL A 158 -11.98 26.27 8.90
CA VAL A 158 -11.67 26.44 7.49
C VAL A 158 -12.96 26.40 6.69
N GLU A 159 -12.87 26.87 5.45
CA GLU A 159 -13.87 26.58 4.43
C GLU A 159 -13.32 25.55 3.46
N LEU A 160 -14.12 24.53 3.18
CA LEU A 160 -13.78 23.53 2.17
C LEU A 160 -14.46 23.91 0.87
N PHE A 161 -13.76 23.74 -0.25
CA PHE A 161 -14.26 24.22 -1.55
C PHE A 161 -14.01 23.12 -2.58
N TYR A 162 -15.05 22.78 -3.34
CA TYR A 162 -14.83 21.88 -4.48
C TYR A 162 -14.76 22.72 -5.74
N PRO A 163 -13.56 22.93 -6.34
CA PRO A 163 -13.47 23.84 -7.49
C PRO A 163 -13.88 23.20 -8.80
N GLY A 164 -14.12 21.90 -8.82
CA GLY A 164 -14.21 21.12 -10.04
C GLY A 164 -13.03 20.17 -10.18
N ALA A 165 -13.16 19.26 -11.14
CA ALA A 165 -12.09 18.28 -11.35
C ALA A 165 -10.84 18.99 -11.83
N ALA A 166 -9.68 18.50 -11.41
CA ALA A 166 -8.41 19.09 -11.82
C ALA A 166 -7.31 18.04 -11.76
N HIS A 167 -6.47 18.09 -10.71
CA HIS A 167 -5.50 17.02 -10.48
C HIS A 167 -6.18 15.65 -10.36
N SER A 168 -7.36 15.63 -9.73
CA SER A 168 -8.21 14.45 -9.67
C SER A 168 -9.64 14.95 -9.71
N THR A 169 -10.60 14.03 -9.91
CA THR A 169 -11.98 14.51 -10.03
C THR A 169 -12.53 14.98 -8.69
N ASP A 170 -11.90 14.57 -7.60
CA ASP A 170 -12.42 14.80 -6.26
C ASP A 170 -11.67 15.86 -5.46
N ASN A 171 -10.61 16.50 -6.00
CA ASN A 171 -9.76 17.33 -5.17
C ASN A 171 -10.57 18.43 -4.49
N LEU A 172 -10.23 18.72 -3.23
CA LEU A 172 -10.77 19.85 -2.50
C LEU A 172 -9.66 20.86 -2.24
N VAL A 173 -10.04 22.13 -2.06
CA VAL A 173 -9.10 23.14 -1.60
C VAL A 173 -9.64 23.70 -0.28
N VAL A 174 -8.73 24.23 0.53
CA VAL A 174 -9.04 24.62 1.89
C VAL A 174 -8.58 26.06 2.10
N TYR A 175 -9.43 26.85 2.73
CA TYR A 175 -9.15 28.26 2.99
C TYR A 175 -9.34 28.56 4.46
N VAL A 176 -8.35 29.23 5.06
CA VAL A 176 -8.42 29.69 6.44
C VAL A 176 -8.76 31.18 6.41
N PRO A 177 -10.02 31.55 6.61
CA PRO A 177 -10.39 32.97 6.49
C PRO A 177 -9.67 33.85 7.50
N SER A 178 -9.46 33.37 8.74
CA SER A 178 -8.80 34.20 9.73
C SER A 178 -7.40 34.60 9.33
N ALA A 179 -6.71 33.77 8.53
CA ALA A 179 -5.32 34.03 8.19
C ALA A 179 -5.10 34.32 6.70
N SER A 180 -6.14 34.26 5.89
CA SER A 180 -6.04 34.45 4.43
C SER A 180 -5.08 33.44 3.80
N VAL A 181 -5.14 32.20 4.26
CA VAL A 181 -4.29 31.14 3.75
C VAL A 181 -5.13 30.23 2.87
N LEU A 182 -4.69 30.06 1.63
CA LEU A 182 -5.31 29.13 0.69
C LEU A 182 -4.43 27.90 0.54
N TYR A 183 -5.01 26.72 0.81
CA TYR A 183 -4.32 25.44 0.64
C TYR A 183 -4.94 24.75 -0.57
N GLY A 184 -4.21 24.71 -1.68
CA GLY A 184 -4.76 24.14 -2.90
C GLY A 184 -4.50 22.66 -3.08
N GLY A 185 -3.72 22.05 -2.19
CA GLY A 185 -3.42 20.65 -2.42
C GLY A 185 -2.77 20.43 -3.78
N CYS A 186 -2.91 19.21 -4.29
CA CYS A 186 -2.20 18.83 -5.50
C CYS A 186 -2.82 19.42 -6.77
N ALA A 187 -3.96 20.12 -6.66
CA ALA A 187 -4.44 20.84 -7.84
C ALA A 187 -3.63 22.08 -8.16
N ILE A 188 -2.76 22.53 -7.26
CA ILE A 188 -1.95 23.74 -7.44
C ILE A 188 -0.48 23.32 -7.42
N TYR A 189 0.28 23.76 -8.41
CA TYR A 189 1.69 23.42 -8.52
C TYR A 189 2.54 24.49 -7.88
N GLU A 190 3.67 24.09 -7.32
CA GLU A 190 4.68 25.08 -6.95
C GLU A 190 5.33 25.66 -8.21
N LEU A 191 5.97 26.83 -8.04
CA LEU A 191 6.53 27.56 -9.19
C LEU A 191 7.68 26.81 -9.86
N SER A 192 8.55 26.16 -9.09
CA SER A 192 9.66 25.41 -9.68
C SER A 192 9.23 24.18 -10.49
N ARG A 193 7.98 23.71 -10.37
CA ARG A 193 7.52 22.60 -11.20
C ARG A 193 6.97 23.13 -12.51
N THR A 194 7.71 22.91 -13.62
CA THR A 194 7.36 23.44 -14.94
C THR A 194 6.82 22.38 -15.88
N SER A 195 6.67 21.14 -15.42
CA SER A 195 6.04 20.10 -16.21
C SER A 195 5.06 19.35 -15.31
N ALA A 196 4.07 18.72 -15.93
CA ALA A 196 2.92 18.24 -15.17
C ALA A 196 3.26 17.05 -14.27
N GLY A 197 4.25 16.26 -14.62
CA GLY A 197 4.46 15.04 -13.85
C GLY A 197 3.29 14.09 -14.00
N ASN A 198 2.93 13.44 -12.89
CA ASN A 198 1.91 12.39 -12.91
C ASN A 198 0.52 12.99 -13.00
N VAL A 199 -0.25 12.62 -14.03
CA VAL A 199 -1.59 13.14 -14.22
C VAL A 199 -2.56 12.04 -14.62
N ALA A 200 -2.31 10.80 -14.18
CA ALA A 200 -3.13 9.68 -14.64
C ALA A 200 -4.60 9.87 -14.28
N ASP A 201 -4.89 10.51 -13.16
CA ASP A 201 -6.27 10.64 -12.71
C ASP A 201 -6.83 12.04 -12.89
N ALA A 202 -6.12 12.90 -13.63
CA ALA A 202 -6.50 14.29 -13.77
C ALA A 202 -7.58 14.47 -14.83
N ASP A 203 -8.27 15.60 -14.74
CA ASP A 203 -9.13 16.09 -15.80
C ASP A 203 -8.40 17.30 -16.40
N LEU A 204 -7.54 17.03 -17.38
CA LEU A 204 -6.80 18.12 -18.01
C LEU A 204 -7.73 19.15 -18.65
N ALA A 205 -8.89 18.69 -19.12
CA ALA A 205 -9.81 19.59 -19.83
C ALA A 205 -10.48 20.58 -18.89
N GLU A 206 -10.74 20.16 -17.65
CA GLU A 206 -11.47 20.99 -16.72
C GLU A 206 -10.54 21.73 -15.77
N TRP A 207 -9.28 21.32 -15.69
CA TRP A 207 -8.36 21.83 -14.68
C TRP A 207 -8.23 23.35 -14.72
N PRO A 208 -7.95 24.02 -15.85
CA PRO A 208 -7.85 25.50 -15.81
C PRO A 208 -9.16 26.18 -15.41
N THR A 209 -10.31 25.64 -15.81
CA THR A 209 -11.59 26.18 -15.34
C THR A 209 -11.72 26.05 -13.83
N SER A 210 -11.34 24.89 -13.29
CA SER A 210 -11.38 24.71 -11.83
C SER A 210 -10.46 25.71 -11.14
N ILE A 211 -9.29 25.97 -11.71
CA ILE A 211 -8.37 26.91 -11.08
C ILE A 211 -8.96 28.31 -11.11
N GLU A 212 -9.64 28.66 -12.20
CA GLU A 212 -10.30 29.97 -12.26
C GLU A 212 -11.35 30.11 -11.17
N ARG A 213 -12.05 29.01 -10.83
CA ARG A 213 -13.04 29.09 -9.76
C ARG A 213 -12.34 29.37 -8.43
N ILE A 214 -11.16 28.80 -8.23
CA ILE A 214 -10.42 29.10 -7.00
C ILE A 214 -10.07 30.58 -6.96
N GLN A 215 -9.57 31.13 -8.07
CA GLN A 215 -9.24 32.55 -8.13
C GLN A 215 -10.46 33.41 -7.82
N GLN A 216 -11.60 33.08 -8.44
CA GLN A 216 -12.81 33.87 -8.22
C GLN A 216 -13.28 33.80 -6.78
N HIS A 217 -13.18 32.63 -6.14
CA HIS A 217 -13.70 32.47 -4.80
C HIS A 217 -12.77 32.97 -3.70
N TYR A 218 -11.46 33.03 -3.96
CA TYR A 218 -10.49 33.44 -2.95
C TYR A 218 -9.55 34.50 -3.52
N PRO A 219 -10.10 35.59 -4.07
CA PRO A 219 -9.23 36.65 -4.61
C PRO A 219 -8.40 37.33 -3.53
N GLU A 220 -8.82 37.27 -2.28
CA GLU A 220 -8.12 37.92 -1.17
C GLU A 220 -7.02 37.05 -0.56
N ALA A 221 -6.78 35.84 -1.05
CA ALA A 221 -5.80 34.96 -0.42
C ALA A 221 -4.42 35.61 -0.40
N GLN A 222 -3.76 35.56 0.76
CA GLN A 222 -2.44 36.15 0.93
C GLN A 222 -1.33 35.12 0.77
N PHE A 223 -1.57 33.89 1.19
CA PHE A 223 -0.61 32.79 1.09
C PHE A 223 -1.30 31.65 0.38
N VAL A 224 -0.60 31.03 -0.56
CA VAL A 224 -1.14 29.89 -1.30
C VAL A 224 -0.17 28.73 -1.13
N ILE A 225 -0.67 27.63 -0.56
CA ILE A 225 0.17 26.47 -0.24
C ILE A 225 -0.08 25.39 -1.27
N PRO A 226 0.92 24.96 -2.04
CA PRO A 226 0.70 23.88 -2.99
C PRO A 226 0.81 22.53 -2.29
N GLY A 227 0.32 21.50 -2.98
CA GLY A 227 0.39 20.15 -2.46
C GLY A 227 1.81 19.69 -2.21
N HIS A 228 2.76 20.23 -2.98
CA HIS A 228 4.17 19.88 -2.83
C HIS A 228 5.01 21.12 -3.07
N GLY A 229 5.95 21.40 -2.18
CA GLY A 229 6.94 22.42 -2.40
C GLY A 229 6.58 23.78 -1.83
N LEU A 230 7.23 24.82 -2.39
CA LEU A 230 7.27 26.10 -1.71
C LEU A 230 5.96 26.86 -1.82
N PRO A 231 5.52 27.49 -0.74
CA PRO A 231 4.34 28.37 -0.80
C PRO A 231 4.62 29.61 -1.62
N GLY A 232 3.55 30.28 -1.98
CA GLY A 232 3.66 31.54 -2.69
C GLY A 232 2.39 32.32 -2.54
N GLY A 233 2.10 33.17 -3.54
CA GLY A 233 0.85 33.86 -3.61
C GLY A 233 -0.07 33.29 -4.68
N LEU A 234 -1.04 34.09 -5.09
CA LEU A 234 -2.04 33.61 -6.06
C LEU A 234 -1.46 33.43 -7.45
N ASP A 235 -0.24 33.91 -7.69
CA ASP A 235 0.49 33.60 -8.91
CA ASP A 235 0.47 33.59 -8.93
C ASP A 235 0.64 32.10 -9.14
N LEU A 236 0.57 31.29 -8.09
CA LEU A 236 0.69 29.85 -8.27
C LEU A 236 -0.43 29.33 -9.17
N LEU A 237 -1.58 29.99 -9.17
CA LEU A 237 -2.74 29.49 -9.91
C LEU A 237 -2.52 29.59 -11.42
N LYS A 238 -2.19 30.77 -11.92
CA LYS A 238 -2.00 30.87 -13.36
C LYS A 238 -0.75 30.10 -13.81
N HIS A 239 0.25 29.97 -12.94
CA HIS A 239 1.38 29.09 -13.26
C HIS A 239 0.94 27.65 -13.47
N THR A 240 0.06 27.15 -12.59
CA THR A 240 -0.45 25.80 -12.77
C THR A 240 -1.23 25.67 -14.08
N THR A 241 -2.11 26.64 -14.36
CA THR A 241 -2.84 26.61 -15.62
C THR A 241 -1.88 26.56 -16.81
N ASN A 242 -0.80 27.36 -16.78
CA ASN A 242 0.16 27.34 -17.87
CA ASN A 242 0.16 27.35 -17.86
C ASN A 242 0.79 25.97 -18.03
N VAL A 243 1.17 25.34 -16.91
CA VAL A 243 1.76 24.01 -16.96
C VAL A 243 0.76 23.02 -17.54
N VAL A 244 -0.50 23.13 -17.11
CA VAL A 244 -1.51 22.16 -17.52
C VAL A 244 -1.85 22.33 -19.00
N LYS A 245 -1.98 23.58 -19.45
CA LYS A 245 -2.25 23.82 -20.86
C LYS A 245 -1.08 23.40 -21.74
N ALA A 246 0.16 23.63 -21.29
CA ALA A 246 1.31 23.12 -22.03
C ALA A 246 1.26 21.61 -22.11
N HIS A 247 0.95 20.94 -21.00
CA HIS A 247 0.84 19.49 -21.04
C HIS A 247 -0.31 19.05 -21.95
N THR A 248 -1.44 19.76 -21.88
CA THR A 248 -2.55 19.48 -22.77
C THR A 248 -2.12 19.47 -24.24
N ASN A 249 -1.25 20.41 -24.62
CA ASN A 249 -0.84 20.52 -26.00
C ASN A 249 0.40 19.67 -26.33
N ARG A 250 0.87 18.84 -25.38
CA ARG A 250 2.07 18.02 -25.58
C ARG A 250 2.04 17.19 -26.88
N GLU B 20 -13.49 -30.28 -3.48
CA GLU B 20 -13.38 -29.52 -4.72
C GLU B 20 -11.95 -29.03 -4.92
N TYR B 21 -11.25 -28.78 -3.83
CA TYR B 21 -9.86 -28.35 -3.94
C TYR B 21 -9.00 -29.52 -4.40
N PRO B 22 -8.18 -29.35 -5.44
CA PRO B 22 -7.41 -30.50 -5.96
C PRO B 22 -6.30 -30.91 -5.01
N THR B 23 -6.03 -32.21 -4.98
CA THR B 23 -5.07 -32.79 -4.06
C THR B 23 -3.97 -33.48 -4.86
N VAL B 24 -2.88 -33.80 -4.15
CA VAL B 24 -1.68 -34.37 -4.77
C VAL B 24 -2.00 -35.59 -5.60
N SER B 25 -3.09 -36.29 -5.27
CA SER B 25 -3.49 -37.48 -6.03
C SER B 25 -4.08 -37.10 -7.39
N GLU B 26 -4.87 -36.02 -7.46
CA GLU B 26 -5.55 -35.66 -8.71
C GLU B 26 -4.65 -34.99 -9.73
N ILE B 27 -3.39 -34.69 -9.41
CA ILE B 27 -2.53 -33.90 -10.26
C ILE B 27 -1.28 -34.71 -10.58
N PRO B 28 -0.92 -34.86 -11.85
CA PRO B 28 0.38 -35.45 -12.20
C PRO B 28 1.50 -34.42 -12.18
N VAL B 29 2.73 -34.94 -12.09
CA VAL B 29 3.92 -34.10 -12.05
C VAL B 29 4.15 -33.49 -13.43
N GLY B 30 4.21 -32.16 -13.49
CA GLY B 30 4.41 -31.44 -14.73
C GLY B 30 3.24 -30.58 -15.15
N GLU B 31 2.05 -30.82 -14.59
CA GLU B 31 0.88 -30.02 -14.89
C GLU B 31 0.37 -29.29 -13.66
N VAL B 32 -0.49 -28.30 -13.90
CA VAL B 32 -0.83 -27.28 -12.91
C VAL B 32 -2.33 -27.06 -12.91
N ARG B 33 -2.90 -26.96 -11.70
CA ARG B 33 -4.30 -26.63 -11.50
C ARG B 33 -4.43 -25.23 -10.95
N LEU B 34 -5.51 -24.55 -11.34
CA LEU B 34 -5.92 -23.33 -10.67
C LEU B 34 -7.21 -23.55 -9.92
N TYR B 35 -7.35 -22.88 -8.78
CA TYR B 35 -8.52 -22.98 -7.94
C TYR B 35 -8.96 -21.57 -7.54
N GLN B 36 -10.08 -21.10 -8.10
CA GLN B 36 -10.57 -19.77 -7.77
C GLN B 36 -11.09 -19.75 -6.33
N ILE B 37 -10.41 -19.01 -5.46
CA ILE B 37 -10.82 -18.88 -4.07
C ILE B 37 -11.92 -17.84 -3.94
N ALA B 38 -11.77 -16.72 -4.64
CA ALA B 38 -12.65 -15.57 -4.49
C ALA B 38 -12.47 -14.73 -5.74
N ASP B 39 -13.23 -13.64 -5.81
CA ASP B 39 -13.22 -12.79 -6.98
C ASP B 39 -11.80 -12.29 -7.26
N GLY B 40 -11.26 -12.69 -8.41
CA GLY B 40 -9.94 -12.24 -8.82
C GLY B 40 -8.79 -12.81 -8.03
N VAL B 41 -8.99 -13.92 -7.31
CA VAL B 41 -7.92 -14.53 -6.54
C VAL B 41 -7.96 -16.03 -6.76
N TRP B 42 -6.84 -16.60 -7.20
CA TRP B 42 -6.70 -18.04 -7.40
C TRP B 42 -5.54 -18.58 -6.60
N SER B 43 -5.59 -19.85 -6.26
CA SER B 43 -4.39 -20.57 -5.93
C SER B 43 -3.94 -21.34 -7.16
N HIS B 44 -2.63 -21.55 -7.27
CA HIS B 44 -2.14 -22.49 -8.26
C HIS B 44 -1.54 -23.67 -7.53
N ILE B 45 -1.81 -24.87 -8.03
CA ILE B 45 -1.44 -26.12 -7.36
C ILE B 45 -0.61 -26.95 -8.33
N ALA B 46 0.58 -27.36 -7.88
CA ALA B 46 1.44 -28.24 -8.65
C ALA B 46 1.94 -29.38 -7.78
N THR B 47 2.66 -30.32 -8.40
CA THR B 47 3.25 -31.45 -7.70
C THR B 47 4.71 -31.61 -8.09
N GLN B 48 5.46 -32.28 -7.22
CA GLN B 48 6.86 -32.52 -7.47
C GLN B 48 7.27 -33.81 -6.76
N SER B 49 8.02 -34.67 -7.47
CA SER B 49 8.68 -35.79 -6.80
C SER B 49 9.94 -35.27 -6.14
N PHE B 50 10.15 -35.68 -4.89
CA PHE B 50 11.16 -35.08 -4.02
C PHE B 50 11.44 -36.09 -2.93
N ASP B 51 12.68 -36.57 -2.82
CA ASP B 51 13.04 -37.54 -1.78
C ASP B 51 12.15 -38.79 -1.83
N GLY B 52 11.82 -39.23 -3.03
CA GLY B 52 11.07 -40.46 -3.21
C GLY B 52 9.55 -40.32 -3.25
N ALA B 53 9.01 -39.24 -2.68
CA ALA B 53 7.57 -39.06 -2.61
C ALA B 53 7.15 -37.93 -3.55
N VAL B 54 5.84 -37.77 -3.70
CA VAL B 54 5.28 -36.65 -4.45
C VAL B 54 4.58 -35.74 -3.45
N TYR B 55 4.85 -34.44 -3.57
CA TYR B 55 4.25 -33.46 -2.69
C TYR B 55 3.50 -32.42 -3.51
N PRO B 56 2.34 -31.97 -3.03
CA PRO B 56 1.66 -30.84 -3.67
C PRO B 56 2.21 -29.52 -3.12
N SER B 57 1.94 -28.45 -3.86
CA SER B 57 2.52 -27.15 -3.54
C SER B 57 1.59 -26.06 -4.07
N ASN B 58 1.26 -25.10 -3.22
CA ASN B 58 0.42 -23.98 -3.59
C ASN B 58 1.25 -22.72 -3.84
N GLY B 59 0.69 -21.87 -4.70
CA GLY B 59 1.04 -20.47 -4.80
C GLY B 59 -0.24 -19.68 -4.99
N LEU B 60 -0.14 -18.38 -5.27
CA LEU B 60 -1.29 -17.51 -5.38
C LEU B 60 -1.25 -16.70 -6.67
N ILE B 61 -2.44 -16.35 -7.17
CA ILE B 61 -2.60 -15.42 -8.30
C ILE B 61 -3.65 -14.39 -7.89
N VAL B 62 -3.31 -13.11 -8.03
CA VAL B 62 -4.22 -12.03 -7.64
C VAL B 62 -4.36 -11.08 -8.81
N ARG B 63 -5.60 -10.80 -9.20
CA ARG B 63 -5.84 -9.85 -10.29
C ARG B 63 -5.63 -8.42 -9.81
N ASP B 64 -5.03 -7.60 -10.67
CA ASP B 64 -4.87 -6.18 -10.38
C ASP B 64 -5.14 -5.40 -11.66
N GLY B 65 -6.40 -5.00 -11.85
CA GLY B 65 -6.81 -4.39 -13.10
C GLY B 65 -6.82 -5.43 -14.20
N ASP B 66 -6.07 -5.19 -15.28
CA ASP B 66 -6.02 -6.16 -16.38
C ASP B 66 -4.70 -6.92 -16.41
N GLU B 67 -3.99 -6.93 -15.29
CA GLU B 67 -2.73 -7.63 -15.13
C GLU B 67 -2.87 -8.65 -13.99
N LEU B 68 -1.84 -9.45 -13.80
CA LEU B 68 -1.86 -10.47 -12.75
C LEU B 68 -0.61 -10.35 -11.90
N LEU B 69 -0.80 -10.39 -10.58
CA LEU B 69 0.31 -10.56 -9.64
C LEU B 69 0.45 -12.04 -9.28
N LEU B 70 1.63 -12.61 -9.54
CA LEU B 70 1.91 -14.01 -9.19
C LEU B 70 2.64 -14.11 -7.87
N ILE B 71 2.21 -15.02 -7.00
CA ILE B 71 2.88 -15.28 -5.73
C ILE B 71 3.44 -16.70 -5.79
N ASP B 72 4.77 -16.79 -5.85
CA ASP B 72 5.55 -18.03 -5.81
C ASP B 72 5.52 -18.79 -7.13
N THR B 73 6.61 -19.48 -7.46
CA THR B 73 6.66 -20.32 -8.64
C THR B 73 5.87 -21.59 -8.41
N ALA B 74 5.81 -22.43 -9.44
CA ALA B 74 5.22 -23.75 -9.35
C ALA B 74 6.26 -24.82 -9.07
N TRP B 75 7.37 -24.44 -8.44
CA TRP B 75 8.40 -25.37 -8.00
C TRP B 75 9.09 -26.02 -9.19
N GLY B 76 9.90 -25.25 -9.92
CA GLY B 76 10.67 -25.80 -11.02
C GLY B 76 10.37 -25.20 -12.37
N ALA B 77 11.33 -25.31 -13.29
CA ALA B 77 11.22 -24.64 -14.58
C ALA B 77 10.04 -25.17 -15.40
N LYS B 78 9.92 -26.49 -15.54
CA LYS B 78 8.86 -27.01 -16.39
C LYS B 78 7.49 -26.82 -15.77
N ASN B 79 7.39 -26.99 -14.45
CA ASN B 79 6.14 -26.72 -13.75
C ASN B 79 5.75 -25.26 -13.89
N THR B 80 6.73 -24.35 -13.81
CA THR B 80 6.43 -22.92 -13.89
C THR B 80 5.99 -22.53 -15.30
N ALA B 81 6.64 -23.11 -16.33
CA ALA B 81 6.14 -22.93 -17.68
C ALA B 81 4.70 -23.43 -17.81
N ALA B 82 4.41 -24.59 -17.23
CA ALA B 82 3.05 -25.08 -17.24
C ALA B 82 2.09 -24.10 -16.56
N LEU B 83 2.57 -23.45 -15.49
CA LEU B 83 1.73 -22.50 -14.76
C LEU B 83 1.33 -21.35 -15.66
N LEU B 84 2.30 -20.74 -16.33
CA LEU B 84 1.99 -19.64 -17.23
C LEU B 84 1.03 -20.07 -18.33
N ALA B 85 1.23 -21.28 -18.86
CA ALA B 85 0.32 -21.76 -19.90
C ALA B 85 -1.08 -21.99 -19.36
N GLU B 86 -1.19 -22.43 -18.10
CA GLU B 86 -2.51 -22.64 -17.50
C GLU B 86 -3.18 -21.31 -17.20
N ILE B 87 -2.39 -20.30 -16.80
CA ILE B 87 -2.93 -18.97 -16.53
C ILE B 87 -3.43 -18.33 -17.83
N GLU B 88 -2.66 -18.43 -18.90
CA GLU B 88 -3.11 -17.91 -20.19
C GLU B 88 -4.41 -18.60 -20.61
N LYS B 89 -4.47 -19.92 -20.44
CA LYS B 89 -5.64 -20.66 -20.92
C LYS B 89 -6.87 -20.36 -20.08
N GLN B 90 -6.71 -20.24 -18.75
CA GLN B 90 -7.88 -20.10 -17.87
C GLN B 90 -8.23 -18.66 -17.54
N ILE B 91 -7.26 -17.74 -17.58
CA ILE B 91 -7.48 -16.36 -17.20
C ILE B 91 -7.15 -15.40 -18.34
N GLY B 92 -6.08 -15.66 -19.09
CA GLY B 92 -5.86 -14.89 -20.30
C GLY B 92 -5.35 -13.48 -20.08
N LEU B 93 -4.93 -13.13 -18.86
CA LEU B 93 -4.32 -11.85 -18.55
C LEU B 93 -2.82 -12.05 -18.33
N PRO B 94 -2.00 -11.03 -18.61
CA PRO B 94 -0.56 -11.21 -18.45
C PRO B 94 -0.14 -11.12 -16.99
N VAL B 95 0.80 -11.98 -16.61
CA VAL B 95 1.49 -11.88 -15.32
C VAL B 95 2.60 -10.86 -15.45
N THR B 96 2.49 -9.75 -14.73
CA THR B 96 3.48 -8.68 -14.87
C THR B 96 4.47 -8.62 -13.71
N ARG B 97 4.09 -9.07 -12.52
CA ARG B 97 5.04 -9.18 -11.41
C ARG B 97 4.83 -10.49 -10.69
N ALA B 98 5.91 -11.03 -10.12
CA ALA B 98 5.86 -12.19 -9.24
C ALA B 98 6.65 -11.92 -7.97
N VAL B 99 6.14 -12.43 -6.85
CA VAL B 99 6.78 -12.35 -5.54
C VAL B 99 7.06 -13.78 -5.08
N SER B 100 8.28 -14.02 -4.59
CA SER B 100 8.66 -15.28 -3.96
C SER B 100 8.69 -15.09 -2.45
N THR B 101 8.00 -15.97 -1.69
CA THR B 101 7.83 -15.71 -0.27
C THR B 101 8.93 -16.28 0.60
N HIS B 102 9.79 -17.15 0.07
CA HIS B 102 11.10 -17.36 0.67
C HIS B 102 12.03 -18.03 -0.34
N PHE B 103 13.23 -18.38 0.09
CA PHE B 103 14.33 -18.70 -0.80
C PHE B 103 14.39 -20.16 -1.24
N HIS B 104 13.53 -21.06 -0.74
CA HIS B 104 13.67 -22.44 -1.13
C HIS B 104 13.11 -22.69 -2.55
N ASP B 105 13.50 -23.85 -3.10
CA ASP B 105 13.20 -24.21 -4.49
C ASP B 105 11.71 -24.18 -4.82
N ASP B 106 10.83 -24.56 -3.87
CA ASP B 106 9.42 -24.59 -4.23
C ASP B 106 8.81 -23.18 -4.31
N ARG B 107 9.58 -22.13 -4.00
CA ARG B 107 9.13 -20.75 -4.14
C ARG B 107 9.84 -19.98 -5.24
N VAL B 108 11.12 -20.28 -5.50
CA VAL B 108 11.91 -19.54 -6.49
C VAL B 108 12.29 -20.39 -7.68
N GLY B 109 12.15 -21.70 -7.62
CA GLY B 109 12.47 -22.53 -8.78
C GLY B 109 11.49 -22.28 -9.91
N GLY B 110 11.97 -21.72 -11.01
CA GLY B 110 11.11 -21.23 -12.07
C GLY B 110 11.19 -19.74 -12.31
N VAL B 111 11.87 -19.00 -11.41
CA VAL B 111 12.09 -17.57 -11.59
C VAL B 111 12.69 -17.27 -12.96
N ASP B 112 13.61 -18.11 -13.43
CA ASP B 112 14.25 -17.84 -14.72
C ASP B 112 13.21 -17.90 -15.85
N VAL B 113 12.33 -18.91 -15.79
CA VAL B 113 11.23 -19.03 -16.75
C VAL B 113 10.36 -17.77 -16.71
N LEU B 114 9.98 -17.34 -15.50
CA LEU B 114 9.20 -16.12 -15.34
C LEU B 114 9.90 -14.91 -15.97
N ARG B 115 11.20 -14.76 -15.70
CA ARG B 115 11.94 -13.62 -16.23
C ARG B 115 12.00 -13.64 -17.76
N ALA B 116 12.27 -14.82 -18.34
CA ALA B 116 12.29 -14.97 -19.79
C ALA B 116 10.94 -14.62 -20.40
N ALA B 117 9.84 -15.02 -19.73
CA ALA B 117 8.51 -14.63 -20.16
C ALA B 117 8.23 -13.15 -19.96
N GLY B 118 9.16 -12.40 -19.36
CA GLY B 118 8.99 -10.98 -19.18
C GLY B 118 8.31 -10.58 -17.89
N VAL B 119 8.24 -11.47 -16.90
CA VAL B 119 7.73 -11.13 -15.57
C VAL B 119 8.85 -10.48 -14.77
N ALA B 120 8.55 -9.32 -14.17
CA ALA B 120 9.42 -8.73 -13.17
C ALA B 120 9.32 -9.51 -11.87
N THR B 121 10.40 -10.20 -11.47
CA THR B 121 10.38 -11.05 -10.28
C THR B 121 10.95 -10.32 -9.08
N TYR B 122 10.33 -10.54 -7.91
CA TYR B 122 10.64 -9.81 -6.68
C TYR B 122 10.83 -10.75 -5.50
N ALA B 123 11.69 -10.34 -4.58
CA ALA B 123 11.76 -10.96 -3.26
C ALA B 123 12.44 -9.97 -2.33
N SER B 124 12.41 -10.28 -1.05
CA SER B 124 13.11 -9.44 -0.10
CA SER B 124 13.11 -9.46 -0.08
C SER B 124 14.62 -9.58 -0.28
N PRO B 125 15.40 -8.58 0.17
CA PRO B 125 16.86 -8.77 0.14
C PRO B 125 17.30 -10.05 0.83
N SER B 126 16.69 -10.40 1.96
CA SER B 126 17.14 -11.58 2.68
C SER B 126 16.85 -12.85 1.88
N THR B 127 15.71 -12.88 1.19
CA THR B 127 15.40 -14.02 0.34
C THR B 127 16.40 -14.12 -0.80
N ARG B 128 16.71 -13.00 -1.44
CA ARG B 128 17.69 -13.01 -2.53
C ARG B 128 19.08 -13.42 -2.06
N ARG B 129 19.50 -12.93 -0.88
CA ARG B 129 20.79 -13.33 -0.35
C ARG B 129 20.83 -14.82 -0.01
N LEU B 130 19.79 -15.33 0.65
CA LEU B 130 19.82 -16.73 1.03
C LEU B 130 19.73 -17.63 -0.21
N ALA B 131 18.97 -17.21 -1.22
CA ALA B 131 18.90 -17.99 -2.45
C ALA B 131 20.25 -18.04 -3.14
N GLU B 132 20.94 -16.91 -3.18
CA GLU B 132 22.28 -16.88 -3.77
C GLU B 132 23.22 -17.84 -3.06
N VAL B 133 23.14 -17.90 -1.74
CA VAL B 133 24.03 -18.77 -0.97
C VAL B 133 23.70 -20.23 -1.27
N GLU B 134 22.42 -20.53 -1.37
CA GLU B 134 21.93 -21.89 -1.60
C GLU B 134 22.17 -22.38 -3.01
N GLY B 135 22.47 -21.49 -3.95
CA GLY B 135 22.54 -21.89 -5.33
C GLY B 135 21.21 -21.96 -6.04
N ASN B 136 20.15 -21.39 -5.46
CA ASN B 136 18.84 -21.35 -6.07
C ASN B 136 18.69 -20.11 -6.94
N GLU B 137 17.65 -20.12 -7.77
CA GLU B 137 17.35 -18.97 -8.62
C GLU B 137 16.98 -17.77 -7.78
N ILE B 138 17.38 -16.59 -8.27
CA ILE B 138 17.35 -15.33 -7.52
C ILE B 138 16.40 -14.33 -8.17
N PRO B 139 15.24 -14.05 -7.58
CA PRO B 139 14.41 -12.96 -8.09
C PRO B 139 15.21 -11.66 -8.23
N THR B 140 14.85 -10.89 -9.26
CA THR B 140 15.65 -9.76 -9.73
C THR B 140 15.49 -8.52 -8.85
N HIS B 141 14.24 -8.13 -8.55
CA HIS B 141 13.94 -6.93 -7.80
C HIS B 141 13.85 -7.21 -6.31
N SER B 142 14.14 -6.18 -5.53
CA SER B 142 14.12 -6.26 -4.07
C SER B 142 12.85 -5.65 -3.50
N LEU B 143 12.26 -6.35 -2.53
CA LEU B 143 11.15 -5.83 -1.74
C LEU B 143 11.72 -5.16 -0.50
N GLU B 144 11.65 -3.83 -0.45
CA GLU B 144 12.11 -3.07 0.69
C GLU B 144 11.03 -3.00 1.77
N GLY B 145 11.48 -2.70 2.99
CA GLY B 145 10.56 -2.40 4.08
C GLY B 145 10.02 -3.61 4.79
N LEU B 146 10.70 -4.75 4.70
CA LEU B 146 10.18 -6.00 5.26
C LEU B 146 11.20 -6.72 6.14
N SER B 147 12.28 -6.07 6.56
CA SER B 147 13.34 -6.81 7.24
C SER B 147 13.12 -6.95 8.74
N SER B 148 12.18 -6.22 9.32
CA SER B 148 11.88 -6.33 10.75
C SER B 148 10.58 -7.08 10.95
N SER B 149 10.56 -8.04 11.88
CA SER B 149 9.34 -8.76 12.19
CA SER B 149 9.34 -8.76 12.19
C SER B 149 8.21 -7.78 12.51
N GLY B 150 7.05 -8.00 11.89
CA GLY B 150 5.95 -7.08 12.02
C GLY B 150 5.85 -6.04 10.92
N ASP B 151 6.82 -5.99 10.01
CA ASP B 151 6.76 -5.05 8.89
C ASP B 151 5.71 -5.48 7.89
N ALA B 152 4.97 -4.50 7.36
CA ALA B 152 4.00 -4.71 6.30
C ALA B 152 4.25 -3.67 5.21
N VAL B 153 4.15 -4.09 3.95
CA VAL B 153 4.21 -3.15 2.84
C VAL B 153 3.11 -3.50 1.86
N ARG B 154 2.64 -2.49 1.16
CA ARG B 154 1.68 -2.70 0.09
C ARG B 154 2.39 -3.10 -1.20
N PHE B 155 1.77 -3.99 -1.95
CA PHE B 155 2.33 -4.38 -3.24
C PHE B 155 1.16 -4.57 -4.19
N GLY B 156 0.62 -3.47 -4.71
CA GLY B 156 -0.52 -3.56 -5.58
C GLY B 156 -1.72 -4.11 -4.83
N PRO B 157 -2.32 -5.17 -5.36
CA PRO B 157 -3.57 -5.69 -4.78
C PRO B 157 -3.40 -6.51 -3.52
N VAL B 158 -2.17 -6.63 -3.00
CA VAL B 158 -1.94 -7.39 -1.78
C VAL B 158 -1.11 -6.56 -0.80
N GLU B 159 -1.11 -7.02 0.45
CA GLU B 159 -0.18 -6.58 1.47
C GLU B 159 0.82 -7.70 1.77
N LEU B 160 2.09 -7.34 1.86
CA LEU B 160 3.14 -8.27 2.22
C LEU B 160 3.53 -8.08 3.68
N PHE B 161 3.74 -9.19 4.40
CA PHE B 161 3.99 -9.15 5.83
C PHE B 161 5.14 -10.08 6.19
N TYR B 162 6.09 -9.57 6.96
CA TYR B 162 7.15 -10.42 7.47
C TYR B 162 6.85 -10.69 8.92
N PRO B 163 6.39 -11.90 9.27
CA PRO B 163 5.96 -12.16 10.65
C PRO B 163 7.09 -12.50 11.59
N GLY B 164 8.31 -12.64 11.08
CA GLY B 164 9.42 -13.18 11.83
C GLY B 164 9.83 -14.55 11.33
N ALA B 165 10.92 -15.04 11.88
CA ALA B 165 11.46 -16.31 11.41
C ALA B 165 10.51 -17.44 11.80
N ALA B 166 10.35 -18.39 10.89
CA ALA B 166 9.48 -19.52 11.18
C ALA B 166 9.91 -20.75 10.40
N HIS B 167 9.20 -21.06 9.32
CA HIS B 167 9.65 -22.10 8.41
C HIS B 167 11.05 -21.81 7.88
N SER B 168 11.37 -20.54 7.69
CA SER B 168 12.69 -20.05 7.31
C SER B 168 12.80 -18.65 7.87
N THR B 169 14.01 -18.12 7.93
CA THR B 169 14.15 -16.79 8.53
C THR B 169 13.53 -15.70 7.68
N ASP B 170 13.33 -15.95 6.38
CA ASP B 170 12.92 -14.90 5.46
C ASP B 170 11.45 -14.99 5.06
N ASN B 171 10.70 -15.97 5.57
CA ASN B 171 9.40 -16.25 4.98
C ASN B 171 8.44 -15.07 5.11
N LEU B 172 7.74 -14.77 4.02
CA LEU B 172 6.73 -13.73 3.99
C LEU B 172 5.35 -14.36 3.90
N VAL B 173 4.35 -13.60 4.32
CA VAL B 173 2.97 -13.97 4.07
C VAL B 173 2.32 -12.84 3.29
N VAL B 174 1.20 -13.18 2.64
CA VAL B 174 0.55 -12.29 1.67
C VAL B 174 -0.93 -12.23 1.99
N TYR B 175 -1.48 -11.03 2.06
CA TYR B 175 -2.89 -10.84 2.36
C TYR B 175 -3.56 -10.09 1.22
N VAL B 176 -4.72 -10.58 0.79
CA VAL B 176 -5.53 -9.93 -0.26
C VAL B 176 -6.69 -9.22 0.42
N PRO B 177 -6.58 -7.91 0.67
CA PRO B 177 -7.62 -7.24 1.48
C PRO B 177 -9.01 -7.31 0.86
N SER B 178 -9.10 -7.17 -0.46
CA SER B 178 -10.40 -7.19 -1.12
C SER B 178 -11.13 -8.51 -0.89
N ALA B 179 -10.39 -9.60 -0.70
CA ALA B 179 -10.96 -10.93 -0.64
C ALA B 179 -10.82 -11.59 0.72
N SER B 180 -10.15 -10.96 1.68
CA SER B 180 -9.93 -11.53 3.00
C SER B 180 -9.23 -12.89 2.89
N VAL B 181 -8.33 -13.01 1.93
CA VAL B 181 -7.54 -14.22 1.72
C VAL B 181 -6.14 -14.00 2.29
N LEU B 182 -5.72 -14.90 3.17
CA LEU B 182 -4.40 -14.86 3.77
C LEU B 182 -3.59 -16.06 3.29
N TYR B 183 -2.50 -15.78 2.56
CA TYR B 183 -1.60 -16.80 2.03
C TYR B 183 -0.41 -16.92 2.98
N GLY B 184 -0.29 -18.06 3.64
CA GLY B 184 0.73 -18.25 4.64
C GLY B 184 2.02 -18.83 4.12
N GLY B 185 2.03 -19.32 2.89
CA GLY B 185 3.26 -20.00 2.47
C GLY B 185 3.60 -21.18 3.38
N CYS B 186 4.86 -21.61 3.32
CA CYS B 186 5.26 -22.81 4.03
C CYS B 186 5.42 -22.60 5.53
N ALA B 187 5.24 -21.36 6.01
CA ALA B 187 5.12 -21.12 7.44
C ALA B 187 3.81 -21.59 8.05
N ILE B 188 2.79 -21.89 7.24
CA ILE B 188 1.48 -22.32 7.72
C ILE B 188 1.21 -23.71 7.16
N TYR B 189 0.82 -24.64 8.04
CA TYR B 189 0.59 -26.03 7.68
C TYR B 189 -0.90 -26.30 7.47
N GLU B 190 -1.19 -27.13 6.49
CA GLU B 190 -2.52 -27.65 6.34
C GLU B 190 -2.86 -28.56 7.52
N LEU B 191 -4.17 -28.74 7.77
CA LEU B 191 -4.60 -29.48 8.95
C LEU B 191 -4.18 -30.94 8.88
N SER B 192 -4.14 -31.52 7.68
CA SER B 192 -3.82 -32.92 7.52
C SER B 192 -2.39 -33.27 7.92
N ARG B 193 -1.51 -32.29 8.12
CA ARG B 193 -0.13 -32.57 8.53
C ARG B 193 -0.02 -32.39 10.03
N THR B 194 0.20 -33.49 10.76
CA THR B 194 0.34 -33.43 12.20
C THR B 194 1.78 -33.61 12.66
N SER B 195 2.72 -33.70 11.73
CA SER B 195 4.15 -33.77 12.00
C SER B 195 4.82 -32.62 11.25
N ALA B 196 5.94 -32.13 11.78
CA ALA B 196 6.58 -30.94 11.21
C ALA B 196 7.25 -31.24 9.87
N GLY B 197 7.64 -32.49 9.64
CA GLY B 197 8.37 -32.79 8.41
C GLY B 197 9.69 -32.03 8.32
N ASN B 198 10.03 -31.60 7.10
CA ASN B 198 11.32 -30.96 6.85
C ASN B 198 11.36 -29.56 7.43
N VAL B 199 12.22 -29.35 8.42
CA VAL B 199 12.41 -28.02 9.01
C VAL B 199 13.91 -27.70 9.10
N ALA B 200 14.67 -28.16 8.10
CA ALA B 200 16.10 -27.90 8.06
C ALA B 200 16.46 -26.44 8.34
N ASP B 201 15.75 -25.50 7.73
CA ASP B 201 16.15 -24.09 7.82
C ASP B 201 15.21 -23.28 8.71
N ALA B 202 14.40 -23.95 9.51
CA ALA B 202 13.39 -23.28 10.32
C ALA B 202 13.99 -22.67 11.59
N ASP B 203 13.26 -21.73 12.18
CA ASP B 203 13.55 -21.23 13.52
C ASP B 203 12.44 -21.74 14.44
N LEU B 204 12.64 -22.92 15.02
CA LEU B 204 11.61 -23.51 15.88
C LEU B 204 11.29 -22.60 17.07
N ALA B 205 12.32 -22.01 17.68
CA ALA B 205 12.10 -21.21 18.89
C ALA B 205 11.22 -20.00 18.63
N GLU B 206 11.28 -19.44 17.42
CA GLU B 206 10.51 -18.23 17.11
C GLU B 206 9.23 -18.49 16.33
N TRP B 207 9.09 -19.65 15.72
CA TRP B 207 7.95 -19.89 14.82
C TRP B 207 6.60 -19.61 15.48
N PRO B 208 6.28 -20.10 16.69
CA PRO B 208 4.96 -19.75 17.27
C PRO B 208 4.79 -18.28 17.53
N THR B 209 5.85 -17.58 17.96
CA THR B 209 5.77 -16.13 18.09
C THR B 209 5.47 -15.47 16.75
N SER B 210 6.08 -15.96 15.67
CA SER B 210 5.82 -15.37 14.36
CA SER B 210 5.82 -15.40 14.34
C SER B 210 4.39 -15.68 13.90
N ILE B 211 3.87 -16.86 14.22
CA ILE B 211 2.49 -17.16 13.86
C ILE B 211 1.54 -16.26 14.61
N GLU B 212 1.86 -15.93 15.88
CA GLU B 212 0.98 -15.06 16.65
C GLU B 212 0.92 -13.66 16.03
N ARG B 213 2.05 -13.18 15.48
CA ARG B 213 2.02 -11.90 14.78
C ARG B 213 1.09 -11.92 13.59
N ILE B 214 1.02 -13.06 12.88
CA ILE B 214 0.08 -13.17 11.76
C ILE B 214 -1.35 -13.04 12.26
N GLN B 215 -1.67 -13.78 13.32
CA GLN B 215 -3.01 -13.71 13.91
C GLN B 215 -3.36 -12.29 14.30
N GLN B 216 -2.47 -11.63 15.06
N GLN B 216 -2.46 -11.61 15.05
CA GLN B 216 -2.75 -10.27 15.51
CA GLN B 216 -2.73 -10.27 15.52
C GLN B 216 -2.90 -9.30 14.35
C GLN B 216 -2.86 -9.28 14.37
N HIS B 217 -2.17 -9.52 13.27
CA HIS B 217 -2.21 -8.58 12.14
C HIS B 217 -3.34 -8.88 11.16
N TYR B 218 -3.79 -10.14 11.05
CA TYR B 218 -4.87 -10.50 10.11
C TYR B 218 -5.99 -11.28 10.79
N PRO B 219 -6.58 -10.76 11.86
CA PRO B 219 -7.66 -11.50 12.53
C PRO B 219 -8.94 -11.56 11.72
N GLU B 220 -9.08 -10.73 10.70
CA GLU B 220 -10.26 -10.70 9.85
C GLU B 220 -10.18 -11.67 8.68
N ALA B 221 -9.14 -12.51 8.61
CA ALA B 221 -8.97 -13.36 7.45
C ALA B 221 -10.06 -14.44 7.42
N GLN B 222 -10.62 -14.67 6.23
CA GLN B 222 -11.66 -15.66 6.04
C GLN B 222 -11.13 -16.93 5.39
N PHE B 223 -10.12 -16.79 4.53
CA PHE B 223 -9.55 -17.90 3.78
CA PHE B 223 -9.55 -17.89 3.77
C PHE B 223 -8.05 -17.92 4.05
N VAL B 224 -7.54 -19.06 4.48
CA VAL B 224 -6.13 -19.21 4.83
C VAL B 224 -5.52 -20.29 3.95
N ILE B 225 -4.47 -19.95 3.21
CA ILE B 225 -3.87 -20.86 2.23
CA ILE B 225 -3.88 -20.87 2.25
C ILE B 225 -2.50 -21.29 2.75
N PRO B 226 -2.26 -22.58 2.96
CA PRO B 226 -0.94 -23.04 3.37
C PRO B 226 -0.03 -23.23 2.16
N GLY B 227 1.28 -23.26 2.43
CA GLY B 227 2.23 -23.52 1.37
C GLY B 227 1.97 -24.81 0.63
N HIS B 228 1.46 -25.82 1.34
CA HIS B 228 1.14 -27.12 0.76
C HIS B 228 -0.18 -27.60 1.29
N GLY B 229 -1.06 -28.02 0.39
CA GLY B 229 -2.25 -28.74 0.80
C GLY B 229 -3.47 -27.85 0.94
N LEU B 230 -4.41 -28.33 1.74
CA LEU B 230 -5.79 -27.83 1.68
C LEU B 230 -5.93 -26.48 2.38
N PRO B 231 -6.62 -25.52 1.79
CA PRO B 231 -6.93 -24.27 2.50
C PRO B 231 -7.87 -24.51 3.67
N GLY B 232 -7.95 -23.52 4.52
CA GLY B 232 -8.91 -23.53 5.61
C GLY B 232 -9.14 -22.12 6.07
N GLY B 233 -9.37 -21.98 7.37
CA GLY B 233 -9.50 -20.69 8.00
C GLY B 233 -8.36 -20.40 8.95
N LEU B 234 -8.58 -19.42 9.81
CA LEU B 234 -7.52 -19.02 10.73
C LEU B 234 -7.14 -20.11 11.72
N ASP B 235 -7.89 -21.21 11.81
CA ASP B 235 -7.49 -22.31 12.69
C ASP B 235 -6.25 -23.03 12.19
N LEU B 236 -5.84 -22.79 10.96
CA LEU B 236 -4.57 -23.32 10.49
C LEU B 236 -3.40 -22.77 11.32
N LEU B 237 -3.53 -21.56 11.85
CA LEU B 237 -2.44 -20.95 12.61
C LEU B 237 -2.17 -21.72 13.90
N LYS B 238 -3.20 -21.89 14.73
CA LYS B 238 -3.06 -22.68 15.96
C LYS B 238 -2.66 -24.12 15.66
N HIS B 239 -3.22 -24.72 14.61
CA HIS B 239 -2.81 -26.08 14.25
C HIS B 239 -1.31 -26.14 13.97
N THR B 240 -0.79 -25.16 13.21
CA THR B 240 0.64 -25.15 12.93
C THR B 240 1.44 -24.98 14.22
N THR B 241 0.98 -24.09 15.10
CA THR B 241 1.69 -23.88 16.35
C THR B 241 1.75 -25.17 17.16
N ASN B 242 0.64 -25.93 17.16
CA ASN B 242 0.62 -27.18 17.91
CA ASN B 242 0.61 -27.19 17.89
C ASN B 242 1.61 -28.19 17.33
N VAL B 243 1.68 -28.28 16.00
CA VAL B 243 2.63 -29.20 15.35
C VAL B 243 4.05 -28.77 15.65
N VAL B 244 4.32 -27.49 15.51
CA VAL B 244 5.67 -26.98 15.70
C VAL B 244 6.13 -27.22 17.13
N LYS B 245 5.26 -26.95 18.10
CA LYS B 245 5.65 -27.13 19.50
C LYS B 245 5.89 -28.60 19.82
N ALA B 246 5.03 -29.49 19.33
CA ALA B 246 5.22 -30.91 19.55
C ALA B 246 6.52 -31.39 18.93
N HIS B 247 6.89 -30.83 17.78
CA HIS B 247 8.18 -31.17 17.21
C HIS B 247 9.31 -30.60 18.04
N THR B 248 9.12 -29.39 18.57
CA THR B 248 10.14 -28.81 19.47
C THR B 248 10.39 -29.70 20.67
N ASN B 249 9.36 -30.41 21.14
CA ASN B 249 9.45 -31.25 22.33
C ASN B 249 9.80 -32.70 22.02
N ARG B 250 10.31 -32.99 20.83
CA ARG B 250 10.60 -34.37 20.42
C ARG B 250 11.51 -35.09 21.42
#